data_5E0N
#
_entry.id   5E0N
#
_cell.length_a   102.601
_cell.length_b   102.601
_cell.length_c   145.951
_cell.angle_alpha   90.00
_cell.angle_beta   90.00
_cell.angle_gamma   120.00
#
_symmetry.space_group_name_H-M   'H 3 2'
#
loop_
_entity.id
_entity.type
_entity.pdbx_description
1 polymer 'Enoyl-CoA hydratase/isomerase'
2 water water
#
_entity_poly.entity_id   1
_entity_poly.type   'polypeptide(L)'
_entity_poly.pdbx_seq_one_letter_code
;MGSSHHHHHHSSGLVPRGSHMTDDTRFVLLDRSRPGVALVTLNRPERMNSMAFDVMVPLLELLGDLRHDNSVRVVILTGA
GRGFSSGADHKSAGSVPHVDGLTRPTYALRSMEVLDNVILALRRLHQPVIAAVNGAAIGGGLCLALACDVRIAAHNAYFR
AAGINNGLTASELGLSYLLPRAIGTSRAFEIMLTGRDVDAAEAERIGLVSRTVPDDDLLETCFEMAQRMRGFSRPGIELT
KRTLWSGLDAASLEGHMQAEGLGQLFVRLLTANFEEAVAARAEKRPPAFTDDK
;
_entity_poly.pdbx_strand_id   X
#
# COMPACT_ATOMS: atom_id res chain seq x y z
N THR A 25 -2.20 13.85 -17.48
CA THR A 25 -0.93 14.44 -17.89
C THR A 25 0.00 14.62 -16.68
N ARG A 26 -0.57 14.71 -15.49
CA ARG A 26 0.21 14.68 -14.25
C ARG A 26 0.53 13.21 -13.95
N PHE A 27 1.69 12.94 -13.36
CA PHE A 27 2.09 11.55 -13.12
C PHE A 27 1.46 10.95 -11.85
N VAL A 28 1.04 11.81 -10.92
CA VAL A 28 0.30 11.41 -9.73
C VAL A 28 -0.88 12.34 -9.55
N LEU A 29 -2.09 11.79 -9.52
CA LEU A 29 -3.31 12.58 -9.36
C LEU A 29 -3.84 12.53 -7.94
N LEU A 30 -4.46 13.62 -7.50
CA LEU A 30 -5.11 13.66 -6.20
C LEU A 30 -6.58 13.97 -6.39
N ASP A 31 -7.43 13.20 -5.71
CA ASP A 31 -8.87 13.37 -5.78
C ASP A 31 -9.41 13.54 -4.36
N ARG A 32 -9.99 14.72 -4.11
CA ARG A 32 -10.57 15.03 -2.80
C ARG A 32 -12.09 15.16 -2.84
N SER A 33 -12.71 14.47 -3.79
CA SER A 33 -14.17 14.39 -3.91
C SER A 33 -14.87 14.02 -2.61
N ARG A 34 -14.47 12.88 -2.04
CA ARG A 34 -15.14 12.38 -0.86
C ARG A 34 -14.59 13.01 0.40
N PRO A 35 -15.48 13.37 1.33
CA PRO A 35 -15.08 14.02 2.58
C PRO A 35 -14.15 13.17 3.41
N GLY A 36 -13.07 13.75 3.90
CA GLY A 36 -12.12 13.03 4.75
C GLY A 36 -11.21 12.06 4.01
N VAL A 37 -11.34 11.96 2.70
CA VAL A 37 -10.55 10.99 1.94
C VAL A 37 -9.71 11.63 0.83
N ALA A 38 -8.46 11.18 0.73
CA ALA A 38 -7.62 11.54 -0.40
C ALA A 38 -7.38 10.30 -1.26
N LEU A 39 -7.95 10.29 -2.46
CA LEU A 39 -7.71 9.23 -3.42
C LEU A 39 -6.52 9.61 -4.30
N VAL A 40 -5.46 8.83 -4.21
CA VAL A 40 -4.22 9.10 -4.94
C VAL A 40 -4.08 8.09 -6.06
N THR A 41 -3.92 8.58 -7.28
CA THR A 41 -3.85 7.69 -8.42
C THR A 41 -2.50 7.81 -9.10
N LEU A 42 -1.78 6.68 -9.18
CA LEU A 42 -0.54 6.63 -9.94
C LEU A 42 -0.91 6.73 -11.41
N ASN A 43 -0.44 7.76 -12.09
CA ASN A 43 -0.98 8.06 -13.41
C ASN A 43 0.03 8.02 -14.55
N ARG A 44 0.54 6.84 -14.84
CA ARG A 44 1.11 6.63 -16.18
C ARG A 44 0.71 5.25 -16.66
N PRO A 45 -0.59 5.08 -16.93
CA PRO A 45 -1.18 3.79 -17.30
C PRO A 45 -0.50 3.18 -18.53
N GLU A 46 0.08 4.04 -19.36
CA GLU A 46 0.82 3.60 -20.54
C GLU A 46 1.92 2.60 -20.16
N ARG A 47 2.69 2.93 -19.12
CA ARG A 47 3.81 2.11 -18.68
C ARG A 47 3.47 1.30 -17.43
N MET A 48 2.17 1.01 -17.26
CA MET A 48 1.67 0.25 -16.12
C MET A 48 2.10 0.89 -14.78
N ASN A 49 2.16 2.22 -14.77
CA ASN A 49 2.54 3.01 -13.60
C ASN A 49 3.84 2.55 -12.98
N SER A 50 4.81 2.19 -13.83
CA SER A 50 6.11 1.74 -13.38
C SER A 50 6.70 2.82 -12.48
N MET A 51 7.34 2.39 -11.41
CA MET A 51 7.81 3.32 -10.41
C MET A 51 9.12 3.96 -10.79
N ALA A 52 9.09 4.66 -11.91
CA ALA A 52 10.21 5.47 -12.34
C ALA A 52 10.30 6.71 -11.47
N PHE A 53 11.42 7.40 -11.63
CA PHE A 53 11.71 8.60 -10.88
C PHE A 53 10.63 9.67 -10.90
N ASP A 54 10.07 9.91 -12.08
CA ASP A 54 9.10 10.97 -12.31
C ASP A 54 7.70 10.63 -11.78
N VAL A 55 7.56 9.42 -11.26
CA VAL A 55 6.33 9.04 -10.55
C VAL A 55 6.56 9.06 -9.04
N MET A 56 7.64 8.43 -8.61
CA MET A 56 7.91 8.29 -7.18
C MET A 56 8.23 9.60 -6.47
N VAL A 57 8.90 10.51 -7.16
CA VAL A 57 9.24 11.79 -6.51
C VAL A 57 7.98 12.65 -6.29
N PRO A 58 7.11 12.83 -7.33
CA PRO A 58 5.89 13.58 -7.01
C PRO A 58 5.03 12.88 -5.95
N LEU A 59 5.01 11.54 -5.97
CA LEU A 59 4.27 10.79 -4.95
C LEU A 59 4.82 11.10 -3.57
N LEU A 60 6.14 11.10 -3.47
CA LEU A 60 6.82 11.43 -2.22
C LEU A 60 6.47 12.82 -1.71
N GLU A 61 6.49 13.82 -2.61
CA GLU A 61 6.11 15.18 -2.21
C GLU A 61 4.64 15.24 -1.80
N LEU A 62 3.76 14.54 -2.52
CA LEU A 62 2.34 14.52 -2.15
C LEU A 62 2.12 13.86 -0.78
N LEU A 63 2.80 12.74 -0.54
CA LEU A 63 2.67 12.04 0.74
C LEU A 63 3.10 12.95 1.88
N GLY A 64 4.15 13.74 1.64
CA GLY A 64 4.60 14.73 2.61
C GLY A 64 3.55 15.77 2.91
N ASP A 65 2.92 16.32 1.88
CA ASP A 65 1.84 17.27 2.04
C ASP A 65 0.63 16.69 2.78
N LEU A 66 0.23 15.48 2.38
CA LEU A 66 -0.95 14.83 2.97
C LEU A 66 -0.79 14.68 4.47
N ARG A 67 0.45 14.52 4.92
CA ARG A 67 0.73 14.37 6.34
C ARG A 67 0.27 15.59 7.13
N HIS A 68 0.29 16.75 6.50
CA HIS A 68 -0.04 18.00 7.19
C HIS A 68 -1.49 18.44 6.95
N ASP A 69 -2.20 17.71 6.11
CA ASP A 69 -3.58 18.06 5.75
C ASP A 69 -4.54 17.39 6.73
N ASN A 70 -5.08 18.17 7.66
CA ASN A 70 -5.93 17.58 8.69
C ASN A 70 -7.37 17.36 8.21
N SER A 71 -7.68 17.81 7.00
CA SER A 71 -8.96 17.48 6.38
C SER A 71 -8.96 16.03 5.86
N VAL A 72 -7.77 15.47 5.66
CA VAL A 72 -7.67 14.11 5.13
C VAL A 72 -7.53 13.12 6.27
N ARG A 73 -8.47 12.18 6.34
CA ARG A 73 -8.49 11.18 7.43
C ARG A 73 -7.95 9.83 6.96
N VAL A 74 -8.15 9.55 5.67
CA VAL A 74 -7.78 8.27 5.08
C VAL A 74 -7.23 8.49 3.68
N VAL A 75 -6.20 7.74 3.32
CA VAL A 75 -5.67 7.80 1.97
C VAL A 75 -5.99 6.51 1.23
N ILE A 76 -6.52 6.62 0.01
CA ILE A 76 -6.67 5.45 -0.84
C ILE A 76 -5.68 5.59 -1.98
N LEU A 77 -4.85 4.57 -2.18
CA LEU A 77 -3.82 4.61 -3.23
C LEU A 77 -4.12 3.57 -4.31
N THR A 78 -4.14 4.00 -5.56
CA THR A 78 -4.50 3.11 -6.67
C THR A 78 -3.76 3.49 -7.94
N GLY A 79 -3.92 2.68 -8.98
CA GLY A 79 -3.25 2.95 -10.23
C GLY A 79 -4.23 3.24 -11.37
N ALA A 80 -3.82 4.13 -12.29
CA ALA A 80 -4.65 4.39 -13.45
C ALA A 80 -4.54 3.24 -14.45
N GLY A 81 -5.62 2.98 -15.18
CA GLY A 81 -5.59 1.98 -16.24
C GLY A 81 -5.64 0.54 -15.75
N ARG A 82 -4.96 -0.32 -16.51
CA ARG A 82 -5.01 -1.77 -16.31
C ARG A 82 -4.21 -2.26 -15.10
N GLY A 83 -3.16 -1.54 -14.73
CA GLY A 83 -2.29 -2.01 -13.65
C GLY A 83 -2.29 -1.12 -12.42
N PHE A 84 -1.96 -1.73 -11.28
CA PHE A 84 -1.69 -0.98 -10.06
C PHE A 84 -0.31 -0.32 -10.24
N SER A 85 0.72 -1.15 -10.39
CA SER A 85 2.08 -0.69 -10.69
C SER A 85 2.98 -1.87 -11.05
N SER A 86 3.76 -1.70 -12.13
CA SER A 86 4.69 -2.74 -12.58
C SER A 86 6.06 -2.61 -11.90
N GLY A 87 6.19 -1.59 -11.05
CA GLY A 87 7.42 -1.34 -10.29
C GLY A 87 8.73 -1.47 -11.06
N MET A 112 20.43 5.25 -5.51
CA MET A 112 19.44 6.21 -6.02
C MET A 112 18.00 5.74 -5.77
N GLU A 113 17.77 5.13 -4.60
CA GLU A 113 16.44 4.65 -4.26
C GLU A 113 15.56 5.75 -3.67
N VAL A 114 14.34 5.84 -4.21
CA VAL A 114 13.32 6.73 -3.69
C VAL A 114 12.14 5.89 -3.18
N LEU A 115 12.10 4.61 -3.58
CA LEU A 115 11.05 3.73 -3.10
C LEU A 115 11.10 3.60 -1.59
N ASP A 116 12.30 3.51 -1.02
CA ASP A 116 12.37 3.41 0.44
C ASP A 116 11.84 4.69 1.11
N ASN A 117 12.10 5.86 0.52
CA ASN A 117 11.56 7.09 1.07
C ASN A 117 10.03 7.11 1.04
N VAL A 118 9.47 6.65 -0.06
CA VAL A 118 8.02 6.54 -0.24
C VAL A 118 7.44 5.56 0.80
N ILE A 119 8.07 4.40 0.93
CA ILE A 119 7.64 3.41 1.95
C ILE A 119 7.57 4.03 3.34
N LEU A 120 8.63 4.71 3.76
CA LEU A 120 8.64 5.34 5.07
C LEU A 120 7.67 6.54 5.17
N ALA A 121 7.46 7.28 4.06
CA ALA A 121 6.44 8.34 4.03
C ALA A 121 5.01 7.79 4.24
N LEU A 122 4.71 6.66 3.60
CA LEU A 122 3.40 6.03 3.78
C LEU A 122 3.19 5.68 5.25
N ARG A 123 4.20 5.04 5.82
CA ARG A 123 4.20 4.63 7.21
C ARG A 123 4.10 5.81 8.19
N ARG A 124 4.69 6.94 7.80
CA ARG A 124 4.71 8.16 8.63
C ARG A 124 3.36 8.89 8.71
N LEU A 125 2.51 8.72 7.72
CA LEU A 125 1.19 9.33 7.76
C LEU A 125 0.46 8.89 9.01
N HIS A 126 -0.25 9.81 9.65
CA HIS A 126 -1.15 9.43 10.73
C HIS A 126 -2.43 8.79 10.18
N GLN A 127 -2.70 9.04 8.90
CA GLN A 127 -3.85 8.44 8.20
C GLN A 127 -3.56 7.03 7.74
N PRO A 128 -4.55 6.13 7.88
CA PRO A 128 -4.44 4.81 7.25
C PRO A 128 -4.40 4.98 5.75
N VAL A 129 -3.61 4.13 5.09
CA VAL A 129 -3.55 4.09 3.65
C VAL A 129 -4.11 2.77 3.17
N ILE A 130 -5.12 2.83 2.32
CA ILE A 130 -5.70 1.64 1.73
C ILE A 130 -5.20 1.52 0.31
N ALA A 131 -4.51 0.42 0.00
CA ALA A 131 -4.13 0.16 -1.37
C ALA A 131 -5.30 -0.48 -2.11
N ALA A 132 -5.78 0.20 -3.15
CA ALA A 132 -6.80 -0.34 -4.05
C ALA A 132 -6.12 -0.97 -5.25
N VAL A 133 -5.78 -2.25 -5.15
CA VAL A 133 -4.97 -2.89 -6.16
C VAL A 133 -5.88 -3.29 -7.33
N ASN A 134 -5.83 -2.46 -8.37
CA ASN A 134 -6.75 -2.56 -9.50
C ASN A 134 -6.24 -3.44 -10.62
N GLY A 135 -4.97 -3.82 -10.54
CA GLY A 135 -4.36 -4.66 -11.56
C GLY A 135 -2.99 -5.17 -11.11
N ALA A 136 -2.09 -5.33 -12.07
CA ALA A 136 -0.75 -5.86 -11.81
C ALA A 136 0.00 -5.10 -10.71
N ALA A 137 0.43 -5.83 -9.70
CA ALA A 137 1.32 -5.28 -8.67
C ALA A 137 2.59 -6.12 -8.69
N ILE A 138 3.62 -5.59 -9.32
CA ILE A 138 4.81 -6.36 -9.67
C ILE A 138 6.06 -5.68 -9.14
N GLY A 139 6.91 -6.45 -8.47
CA GLY A 139 8.16 -5.95 -7.94
C GLY A 139 7.96 -4.80 -6.97
N GLY A 140 8.47 -3.63 -7.33
CA GLY A 140 8.24 -2.43 -6.55
C GLY A 140 6.76 -2.13 -6.33
N GLY A 141 5.91 -2.57 -7.26
CA GLY A 141 4.48 -2.38 -7.14
C GLY A 141 3.87 -3.21 -6.01
N LEU A 142 4.31 -4.45 -5.87
CA LEU A 142 3.90 -5.30 -4.75
C LEU A 142 4.42 -4.72 -3.43
N CYS A 143 5.68 -4.29 -3.45
CA CYS A 143 6.26 -3.70 -2.25
C CYS A 143 5.51 -2.43 -1.82
N LEU A 144 5.12 -1.61 -2.80
CA LEU A 144 4.32 -0.41 -2.52
C LEU A 144 3.00 -0.78 -1.81
N ALA A 145 2.30 -1.77 -2.36
CA ALA A 145 1.05 -2.25 -1.76
C ALA A 145 1.27 -2.78 -0.34
N LEU A 146 2.38 -3.48 -0.12
CA LEU A 146 2.70 -4.02 1.21
C LEU A 146 3.08 -2.90 2.19
N ALA A 147 3.42 -1.74 1.66
CA ALA A 147 3.79 -0.61 2.53
C ALA A 147 2.54 0.15 2.99
N CYS A 148 1.40 -0.13 2.35
CA CYS A 148 0.13 0.49 2.75
C CYS A 148 -0.40 -0.27 3.98
N ASP A 149 -1.39 0.27 4.67
CA ASP A 149 -1.90 -0.38 5.87
C ASP A 149 -2.93 -1.47 5.59
N VAL A 150 -3.74 -1.28 4.54
CA VAL A 150 -4.74 -2.28 4.15
C VAL A 150 -4.70 -2.46 2.62
N ARG A 151 -4.89 -3.69 2.14
CA ARG A 151 -4.98 -3.94 0.70
C ARG A 151 -6.34 -4.55 0.32
N ILE A 152 -6.94 -4.01 -0.73
CA ILE A 152 -8.15 -4.57 -1.32
C ILE A 152 -7.84 -4.82 -2.78
N ALA A 153 -8.24 -5.96 -3.31
CA ALA A 153 -7.91 -6.30 -4.69
C ALA A 153 -9.13 -6.37 -5.59
N ALA A 154 -8.96 -5.91 -6.82
CA ALA A 154 -9.94 -6.16 -7.86
C ALA A 154 -9.75 -7.59 -8.33
N HIS A 155 -10.82 -8.17 -8.86
CA HIS A 155 -10.79 -9.48 -9.51
C HIS A 155 -9.63 -9.55 -10.52
N ASN A 156 -9.36 -8.40 -11.17
CA ASN A 156 -8.33 -8.23 -12.18
C ASN A 156 -6.88 -8.25 -11.64
N ALA A 157 -6.71 -8.00 -10.35
CA ALA A 157 -5.37 -7.88 -9.78
C ALA A 157 -4.60 -9.20 -9.79
N TYR A 158 -3.27 -9.11 -9.88
CA TYR A 158 -2.39 -10.22 -9.52
C TYR A 158 -1.10 -9.63 -8.97
N PHE A 159 -0.34 -10.47 -8.29
CA PHE A 159 0.83 -10.03 -7.54
C PHE A 159 2.05 -10.85 -7.93
N ARG A 160 3.19 -10.20 -8.10
CA ARG A 160 4.43 -10.92 -8.38
C ARG A 160 5.61 -10.16 -7.77
N ALA A 161 6.51 -10.90 -7.13
CA ALA A 161 7.81 -10.32 -6.77
C ALA A 161 8.72 -10.41 -8.00
N ALA A 162 9.54 -9.39 -8.24
CA ALA A 162 10.33 -9.35 -9.48
C ALA A 162 11.49 -8.35 -9.44
N GLY A 163 12.24 -8.23 -10.53
CA GLY A 163 13.39 -7.34 -10.58
C GLY A 163 14.10 -7.29 -11.92
N GLY A 167 21.79 -7.24 -7.86
CA GLY A 167 21.05 -5.99 -7.74
C GLY A 167 20.17 -5.95 -6.50
N LEU A 168 20.78 -5.58 -5.38
CA LEU A 168 20.06 -5.43 -4.11
C LEU A 168 19.29 -4.12 -4.09
N THR A 169 17.96 -4.23 -4.14
CA THR A 169 17.06 -3.09 -4.26
C THR A 169 16.26 -2.85 -2.98
N ALA A 170 15.74 -1.63 -2.82
CA ALA A 170 14.82 -1.34 -1.72
C ALA A 170 13.59 -2.22 -1.86
N SER A 171 13.17 -2.43 -3.09
CA SER A 171 12.02 -3.26 -3.35
C SER A 171 12.18 -4.65 -2.76
N GLU A 172 13.29 -5.32 -3.06
CA GLU A 172 13.40 -6.70 -2.59
C GLU A 172 13.63 -6.73 -1.08
N LEU A 173 14.31 -5.72 -0.54
CA LEU A 173 14.53 -5.68 0.91
C LEU A 173 13.20 -5.48 1.63
N GLY A 174 12.43 -4.49 1.17
CA GLY A 174 11.10 -4.24 1.68
C GLY A 174 10.21 -5.47 1.60
N LEU A 175 10.18 -6.11 0.44
CA LEU A 175 9.43 -7.34 0.27
C LEU A 175 9.85 -8.42 1.26
N SER A 176 11.15 -8.61 1.40
CA SER A 176 11.66 -9.71 2.19
C SER A 176 11.33 -9.49 3.67
N TYR A 177 11.12 -8.23 4.06
CA TYR A 177 10.71 -7.95 5.43
C TYR A 177 9.20 -8.10 5.57
N LEU A 178 8.47 -7.48 4.66
CA LEU A 178 7.04 -7.32 4.81
C LEU A 178 6.21 -8.53 4.37
N LEU A 179 6.61 -9.21 3.30
CA LEU A 179 5.77 -10.31 2.82
C LEU A 179 5.69 -11.47 3.83
N PRO A 180 6.83 -11.93 4.40
CA PRO A 180 6.66 -13.04 5.36
C PRO A 180 5.85 -12.66 6.58
N ARG A 181 5.90 -11.39 6.97
CA ARG A 181 5.10 -10.96 8.12
C ARG A 181 3.62 -10.86 7.77
N ALA A 182 3.28 -10.69 6.49
CA ALA A 182 1.88 -10.65 6.06
C ALA A 182 1.27 -12.03 5.89
N ILE A 183 2.01 -12.96 5.29
CA ILE A 183 1.43 -14.22 4.87
C ILE A 183 2.19 -15.44 5.37
N GLY A 184 3.17 -15.22 6.24
CA GLY A 184 3.92 -16.33 6.82
C GLY A 184 5.11 -16.68 5.94
N THR A 185 6.14 -17.30 6.51
CA THR A 185 7.36 -17.54 5.76
C THR A 185 7.21 -18.57 4.64
N SER A 186 6.43 -19.63 4.84
CA SER A 186 6.34 -20.65 3.79
C SER A 186 5.89 -20.08 2.44
N ARG A 187 4.80 -19.33 2.48
CA ARG A 187 4.24 -18.78 1.25
C ARG A 187 5.07 -17.62 0.74
N ALA A 188 5.56 -16.76 1.64
CA ALA A 188 6.42 -15.65 1.19
C ALA A 188 7.66 -16.17 0.49
N PHE A 189 8.31 -17.16 1.11
CA PHE A 189 9.53 -17.73 0.53
C PHE A 189 9.28 -18.34 -0.84
N GLU A 190 8.25 -19.18 -1.02
CA GLU A 190 8.16 -19.79 -2.34
C GLU A 190 7.66 -18.81 -3.39
N ILE A 191 6.81 -17.85 -2.99
CA ILE A 191 6.35 -16.87 -3.97
C ILE A 191 7.53 -16.04 -4.47
N MET A 192 8.43 -15.69 -3.56
CA MET A 192 9.57 -14.86 -3.93
C MET A 192 10.65 -15.68 -4.64
N LEU A 193 10.79 -16.95 -4.28
CA LEU A 193 11.83 -17.78 -4.91
C LEU A 193 11.41 -18.35 -6.27
N THR A 194 10.11 -18.60 -6.48
CA THR A 194 9.64 -19.05 -7.80
C THR A 194 9.29 -17.87 -8.72
N GLY A 195 9.07 -16.71 -8.13
CA GLY A 195 8.67 -15.53 -8.88
C GLY A 195 7.36 -15.70 -9.62
N ARG A 196 6.49 -16.59 -9.12
CA ARG A 196 5.21 -16.83 -9.78
C ARG A 196 4.18 -15.70 -9.58
N ASP A 197 3.15 -15.68 -10.43
CA ASP A 197 2.01 -14.78 -10.24
C ASP A 197 1.09 -15.31 -9.16
N VAL A 198 0.56 -14.42 -8.34
CA VAL A 198 -0.44 -14.79 -7.36
C VAL A 198 -1.74 -14.09 -7.74
N ASP A 199 -2.79 -14.85 -8.10
CA ASP A 199 -4.02 -14.16 -8.53
C ASP A 199 -4.81 -13.61 -7.33
N ALA A 200 -5.85 -12.82 -7.61
CA ALA A 200 -6.54 -12.08 -6.57
C ALA A 200 -7.30 -12.98 -5.61
N ALA A 201 -7.79 -14.09 -6.12
CA ALA A 201 -8.50 -15.05 -5.28
C ALA A 201 -7.52 -15.69 -4.29
N GLU A 202 -6.34 -16.06 -4.76
CA GLU A 202 -5.33 -16.64 -3.87
C GLU A 202 -4.86 -15.60 -2.87
N ALA A 203 -4.64 -14.37 -3.33
CA ALA A 203 -4.15 -13.31 -2.47
C ALA A 203 -5.07 -13.12 -1.27
N GLU A 204 -6.38 -13.21 -1.51
CA GLU A 204 -7.33 -13.07 -0.41
C GLU A 204 -7.25 -14.30 0.49
N ARG A 205 -7.20 -15.48 -0.11
CA ARG A 205 -7.20 -16.73 0.65
C ARG A 205 -6.03 -16.78 1.65
N ILE A 206 -4.84 -16.40 1.20
CA ILE A 206 -3.65 -16.49 2.04
C ILE A 206 -3.41 -15.22 2.89
N GLY A 207 -4.26 -14.21 2.74
CA GLY A 207 -4.17 -13.01 3.55
C GLY A 207 -3.16 -11.99 3.06
N LEU A 208 -2.81 -12.06 1.78
CA LEU A 208 -2.02 -11.01 1.13
C LEU A 208 -2.88 -9.74 0.97
N VAL A 209 -4.16 -9.92 0.70
CA VAL A 209 -5.10 -8.79 0.75
C VAL A 209 -6.24 -9.14 1.69
N SER A 210 -6.96 -8.13 2.16
CA SER A 210 -8.09 -8.34 3.08
C SER A 210 -9.35 -8.83 2.37
N ARG A 211 -9.53 -8.38 1.14
CA ARG A 211 -10.73 -8.74 0.38
C ARG A 211 -10.44 -8.61 -1.10
N THR A 212 -11.11 -9.44 -1.88
CA THR A 212 -11.07 -9.32 -3.33
C THR A 212 -12.50 -9.13 -3.85
N VAL A 213 -12.68 -8.12 -4.71
CA VAL A 213 -14.01 -7.71 -5.16
C VAL A 213 -14.02 -7.50 -6.67
N PRO A 214 -15.22 -7.48 -7.30
CA PRO A 214 -15.32 -7.20 -8.73
C PRO A 214 -14.58 -5.91 -9.11
N ASP A 215 -13.98 -5.86 -10.30
CA ASP A 215 -13.24 -4.68 -10.73
C ASP A 215 -14.07 -3.41 -10.55
N ASP A 216 -15.36 -3.50 -10.91
CA ASP A 216 -16.27 -2.35 -10.87
C ASP A 216 -16.56 -1.89 -9.45
N ASP A 217 -16.33 -2.76 -8.47
CA ASP A 217 -16.67 -2.41 -7.10
C ASP A 217 -15.46 -1.97 -6.26
N LEU A 218 -14.26 -1.99 -6.86
CA LEU A 218 -13.03 -1.82 -6.08
C LEU A 218 -12.98 -0.49 -5.31
N LEU A 219 -13.09 0.63 -6.00
CA LEU A 219 -12.92 1.92 -5.35
C LEU A 219 -14.01 2.17 -4.30
N GLU A 220 -15.24 1.80 -4.61
CA GLU A 220 -16.31 2.08 -3.67
C GLU A 220 -16.17 1.20 -2.41
N THR A 221 -15.61 0.00 -2.56
CA THR A 221 -15.33 -0.81 -1.38
C THR A 221 -14.33 -0.08 -0.49
N CYS A 222 -13.30 0.48 -1.12
CA CYS A 222 -12.28 1.24 -0.39
C CYS A 222 -12.85 2.50 0.22
N PHE A 223 -13.67 3.24 -0.54
CA PHE A 223 -14.35 4.40 0.02
C PHE A 223 -15.27 4.03 1.20
N GLU A 224 -15.93 2.88 1.10
CA GLU A 224 -16.78 2.42 2.19
C GLU A 224 -15.94 2.12 3.44
N MET A 225 -14.77 1.50 3.26
CA MET A 225 -13.89 1.24 4.39
C MET A 225 -13.33 2.54 4.97
N ALA A 226 -12.91 3.46 4.10
CA ALA A 226 -12.42 4.76 4.55
C ALA A 226 -13.50 5.47 5.36
N GLN A 227 -14.74 5.41 4.85
CA GLN A 227 -15.86 6.06 5.53
C GLN A 227 -16.04 5.50 6.94
N ARG A 228 -15.87 4.19 7.08
CA ARG A 228 -15.96 3.56 8.39
C ARG A 228 -14.83 4.02 9.33
N MET A 229 -13.61 4.07 8.80
CA MET A 229 -12.45 4.54 9.56
C MET A 229 -12.59 6.01 10.01
N ARG A 230 -13.28 6.82 9.21
CA ARG A 230 -13.54 8.23 9.57
C ARG A 230 -14.27 8.37 10.88
N GLY A 231 -15.10 7.38 11.20
CA GLY A 231 -15.88 7.39 12.42
C GLY A 231 -15.08 7.36 13.71
N PHE A 232 -13.84 6.87 13.64
CA PHE A 232 -12.95 6.91 14.79
C PHE A 232 -12.23 8.24 14.87
N SER A 233 -11.76 8.61 16.06
CA SER A 233 -11.07 9.88 16.20
C SER A 233 -9.73 9.84 15.46
N ARG A 234 -9.28 11.01 15.04
CA ARG A 234 -7.99 11.13 14.36
C ARG A 234 -6.81 10.69 15.24
N PRO A 235 -6.77 11.11 16.52
CA PRO A 235 -5.65 10.62 17.33
C PRO A 235 -5.80 9.15 17.72
N GLY A 236 -7.02 8.63 17.76
CA GLY A 236 -7.23 7.23 18.08
C GLY A 236 -6.70 6.33 16.97
N ILE A 237 -7.13 6.61 15.74
CA ILE A 237 -6.69 5.90 14.56
C ILE A 237 -5.17 5.98 14.40
N GLU A 238 -4.61 7.16 14.61
CA GLU A 238 -3.17 7.37 14.50
C GLU A 238 -2.42 6.44 15.44
N LEU A 239 -2.87 6.41 16.69
CA LEU A 239 -2.22 5.56 17.69
C LEU A 239 -2.30 4.10 17.27
N THR A 240 -3.43 3.69 16.72
CA THR A 240 -3.55 2.31 16.27
C THR A 240 -2.52 2.02 15.18
N LYS A 241 -2.46 2.87 14.15
CA LYS A 241 -1.48 2.70 13.07
C LYS A 241 -0.06 2.70 13.62
N ARG A 242 0.26 3.65 14.50
CA ARG A 242 1.62 3.73 15.03
C ARG A 242 2.01 2.51 15.86
N THR A 243 1.10 2.03 16.71
CA THR A 243 1.44 0.85 17.53
C THR A 243 1.62 -0.38 16.64
N LEU A 244 0.83 -0.46 15.58
CA LEU A 244 0.92 -1.60 14.67
C LEU A 244 2.29 -1.65 13.97
N TRP A 245 2.71 -0.55 13.35
CA TRP A 245 4.00 -0.55 12.66
C TRP A 245 5.16 -0.71 13.65
N SER A 246 5.12 -0.02 14.78
CA SER A 246 6.23 -0.19 15.74
C SER A 246 6.20 -1.57 16.42
N GLY A 247 5.01 -2.17 16.53
CA GLY A 247 4.89 -3.54 17.04
C GLY A 247 5.67 -4.54 16.20
N LEU A 248 5.68 -4.32 14.89
CA LEU A 248 6.43 -5.20 13.99
C LEU A 248 7.93 -5.19 14.29
N ASP A 249 8.44 -4.01 14.63
CA ASP A 249 9.87 -3.82 14.90
C ASP A 249 10.22 -4.09 16.36
N ALA A 250 9.22 -4.29 17.20
CA ALA A 250 9.47 -4.37 18.64
C ALA A 250 10.42 -5.52 18.95
N ALA A 251 11.30 -5.30 19.92
CA ALA A 251 12.27 -6.30 20.33
C ALA A 251 11.63 -7.44 21.14
N SER A 252 10.62 -7.09 21.95
CA SER A 252 9.92 -8.08 22.79
C SER A 252 8.52 -7.61 23.13
N LEU A 253 7.66 -8.53 23.57
CA LEU A 253 6.31 -8.18 24.02
C LEU A 253 6.38 -7.17 25.16
N GLU A 254 7.19 -7.48 26.17
CA GLU A 254 7.24 -6.66 27.37
C GLU A 254 7.79 -5.25 27.07
N GLY A 255 8.86 -5.19 26.28
CA GLY A 255 9.38 -3.91 25.84
C GLY A 255 8.33 -3.08 25.12
N HIS A 256 7.56 -3.72 24.23
CA HIS A 256 6.52 -2.99 23.49
C HIS A 256 5.42 -2.48 24.42
N MET A 257 5.05 -3.28 25.41
CA MET A 257 4.01 -2.85 26.34
C MET A 257 4.49 -1.68 27.22
N GLN A 258 5.80 -1.53 27.36
CA GLN A 258 6.35 -0.41 28.11
C GLN A 258 6.55 0.85 27.26
N ALA A 259 6.01 0.86 26.04
CA ALA A 259 6.19 2.00 25.14
C ALA A 259 5.43 3.24 25.61
N GLU A 260 6.04 4.41 25.43
CA GLU A 260 5.47 5.70 25.85
C GLU A 260 5.37 6.68 24.68
#